data_3KQT
#
_entry.id   3KQT
#
_cell.length_a   93.852
_cell.length_b   93.852
_cell.length_c   188.503
_cell.angle_alpha   90.000
_cell.angle_beta   90.000
_cell.angle_gamma   90.000
#
_symmetry.space_group_name_H-M   'P 43 21 2'
#
loop_
_entity.id
_entity.type
_entity.pdbx_description
1 polymer 'Phenylethanolamine N-methyltransferase'
2 non-polymer S-ADENOSYL-L-HOMOCYSTEINE
3 non-polymer 1-methyl-1H-benzimidazol-2-amine
4 water water
#
_entity_poly.entity_id   1
_entity_poly.type   'polypeptide(L)'
_entity_poly.pdbx_seq_one_letter_code
;MSGADRSPNAGAAPDSAPGQAAVASAYQRFEPRAYLRNNYAPPRGDLCNPNGVGPWKLRCLAQTFATGEVSGRTLIDIGS
GPTVYQLLSACSHFEDITMTDFLEVNRQELGRWLQEEPGAFNWSMYSQHACLIEGKGECWQDKERQLRARVKRVLPIDVH
QPQPLGAGSPAPLPADALVSAFCLEAVSPDLASFQRALDHITTLLRPGGHLLLIGALEESWYLAGEARLTVVPVSEEEVR
EALVRSGYKVRDLRTYIMPAHLQTGVDDVKGVFFAWAQKVGLEHHHHHH
;
_entity_poly.pdbx_strand_id   A,B
#
loop_
_chem_comp.id
_chem_comp.type
_chem_comp.name
_chem_comp.formula
ES7 non-polymer 1-methyl-1H-benzimidazol-2-amine 'C8 H9 N3'
SAH non-polymer S-ADENOSYL-L-HOMOCYSTEINE 'C14 H20 N6 O5 S'
#
# COMPACT_ATOMS: atom_id res chain seq x y z
N ALA A 24 -8.50 32.75 21.56
CA ALA A 24 -9.36 31.59 21.34
C ALA A 24 -10.53 31.90 20.41
N SER A 25 -11.13 33.08 20.54
CA SER A 25 -12.25 33.50 19.71
C SER A 25 -11.93 33.30 18.23
N ALA A 26 -10.66 33.45 17.87
CA ALA A 26 -10.22 33.24 16.50
C ALA A 26 -10.56 31.83 16.01
N TYR A 27 -10.50 30.85 16.90
CA TYR A 27 -10.79 29.45 16.54
C TYR A 27 -12.24 29.18 16.13
N GLN A 28 -13.11 30.15 16.39
CA GLN A 28 -14.53 30.01 16.03
C GLN A 28 -14.75 30.17 14.53
N ARG A 29 -13.72 30.62 13.81
CA ARG A 29 -13.79 30.77 12.35
C ARG A 29 -13.05 29.63 11.62
N PHE A 30 -12.33 28.83 12.40
CA PHE A 30 -11.53 27.70 11.93
C PHE A 30 -12.32 26.72 11.05
N GLU A 31 -11.93 26.58 9.79
CA GLU A 31 -12.61 25.62 8.90
C GLU A 31 -11.80 24.34 8.74
N PRO A 32 -12.31 23.22 9.27
CA PRO A 32 -11.59 21.93 9.16
C PRO A 32 -11.16 21.59 7.73
N ARG A 33 -12.03 21.74 6.75
CA ARG A 33 -11.68 21.32 5.38
C ARG A 33 -10.52 22.14 4.82
N ALA A 34 -10.50 23.43 5.15
CA ALA A 34 -9.43 24.32 4.68
C ALA A 34 -8.13 23.96 5.38
N TYR A 35 -8.22 23.57 6.66
CA TYR A 35 -7.05 23.18 7.41
C TYR A 35 -6.44 21.88 6.83
N LEU A 36 -7.30 20.89 6.61
CA LEU A 36 -6.89 19.62 6.04
C LEU A 36 -6.27 19.80 4.67
N ARG A 37 -6.91 20.63 3.85
CA ARG A 37 -6.42 20.92 2.51
C ARG A 37 -5.03 21.59 2.57
N ASN A 38 -4.87 22.52 3.49
CA ASN A 38 -3.63 23.29 3.66
C ASN A 38 -2.43 22.47 4.13
N ASN A 39 -2.69 21.41 4.88
CA ASN A 39 -1.62 20.70 5.57
C ASN A 39 -1.50 19.21 5.23
N TYR A 40 -2.55 18.62 4.69
CA TYR A 40 -2.55 17.17 4.48
C TYR A 40 -2.96 16.76 3.06
N ALA A 41 -3.00 17.75 2.17
CA ALA A 41 -3.12 17.49 0.74
C ALA A 41 -1.81 17.95 0.11
N PRO A 42 -1.49 17.47 -1.09
CA PRO A 42 -0.24 17.92 -1.74
C PRO A 42 -0.05 19.43 -1.66
N PRO A 43 1.21 19.89 -1.57
CA PRO A 43 2.39 19.04 -1.55
C PRO A 43 2.71 18.44 -0.17
N ARG A 44 2.26 19.08 0.91
CA ARG A 44 2.58 18.60 2.26
C ARG A 44 2.02 17.22 2.53
N GLY A 45 0.96 16.87 1.80
CA GLY A 45 0.33 15.56 1.95
C GLY A 45 0.68 14.52 0.88
N ASP A 46 1.65 14.82 0.02
CA ASP A 46 2.15 13.78 -0.87
C ASP A 46 3.20 12.96 -0.14
N LEU A 47 2.95 11.67 0.00
CA LEU A 47 3.82 10.84 0.81
C LEU A 47 4.82 10.03 -0.02
N CYS A 48 4.82 10.26 -1.33
CA CYS A 48 5.72 9.54 -2.23
C CYS A 48 7.19 9.92 -2.02
N ASN A 49 7.44 11.20 -1.78
CA ASN A 49 8.79 11.68 -1.50
C ASN A 49 9.16 11.41 -0.05
N PRO A 50 10.17 10.56 0.17
CA PRO A 50 10.65 10.13 1.49
C PRO A 50 11.24 11.30 2.29
N ASN A 51 11.69 12.34 1.60
CA ASN A 51 12.25 13.50 2.29
C ASN A 51 11.20 14.52 2.71
N GLY A 52 9.93 14.20 2.44
CA GLY A 52 8.84 15.10 2.80
C GLY A 52 8.47 15.03 4.26
N VAL A 53 7.73 16.02 4.74
CA VAL A 53 7.38 16.12 6.15
C VAL A 53 6.41 15.03 6.61
N GLY A 54 5.51 14.61 5.73
CA GLY A 54 4.54 13.59 6.09
C GLY A 54 5.20 12.27 6.48
N PRO A 55 6.07 11.77 5.59
CA PRO A 55 6.87 10.57 5.89
C PRO A 55 7.73 10.75 7.15
N TRP A 56 8.36 11.91 7.32
CA TRP A 56 9.16 12.15 8.53
C TRP A 56 8.35 11.99 9.82
N LYS A 57 7.16 12.59 9.88
CA LYS A 57 6.32 12.48 11.07
C LYS A 57 5.91 11.03 11.34
N LEU A 58 5.41 10.34 10.32
CA LEU A 58 4.97 8.95 10.48
C LEU A 58 6.13 8.08 10.92
N ARG A 59 7.30 8.40 10.41
CA ARG A 59 8.49 7.63 10.71
C ARG A 59 8.89 7.82 12.16
N CYS A 60 8.74 9.05 12.66
CA CYS A 60 9.05 9.32 14.06
C CYS A 60 8.12 8.52 14.96
N LEU A 61 6.83 8.54 14.64
CA LEU A 61 5.86 7.85 15.48
C LEU A 61 6.10 6.33 15.43
N ALA A 62 6.23 5.80 14.22
CA ALA A 62 6.45 4.37 14.01
C ALA A 62 7.66 3.84 14.77
N GLN A 63 8.81 4.44 14.53
CA GLN A 63 10.05 4.03 15.19
C GLN A 63 9.92 4.04 16.69
N THR A 64 9.21 5.04 17.22
CA THR A 64 9.07 5.17 18.67
C THR A 64 8.28 4.00 19.23
N PHE A 65 7.19 3.63 18.55
CA PHE A 65 6.37 2.51 19.02
C PHE A 65 7.06 1.17 18.79
N ALA A 66 7.95 1.10 17.81
CA ALA A 66 8.60 -0.18 17.50
C ALA A 66 9.61 -0.56 18.58
N THR A 67 9.98 0.40 19.43
CA THR A 67 10.88 0.11 20.54
C THR A 67 10.20 -0.77 21.58
N GLY A 68 8.87 -0.81 21.53
CA GLY A 68 8.09 -1.56 22.50
C GLY A 68 8.13 -1.01 23.91
N GLU A 69 8.64 0.21 24.08
CA GLU A 69 8.70 0.84 25.40
C GLU A 69 7.50 1.71 25.70
N VAL A 70 6.73 2.02 24.66
CA VAL A 70 5.52 2.81 24.83
C VAL A 70 4.32 1.89 24.67
N SER A 71 3.72 1.54 25.80
CA SER A 71 2.70 0.52 25.82
C SER A 71 1.78 0.75 26.99
N GLY A 72 0.69 -0.01 27.02
CA GLY A 72 -0.31 0.13 28.05
C GLY A 72 -1.68 -0.17 27.50
N ARG A 73 -2.70 0.33 28.19
CA ARG A 73 -4.07 0.01 27.84
C ARG A 73 -4.82 1.21 27.25
N THR A 74 -4.54 2.41 27.77
CA THR A 74 -5.28 3.58 27.30
C THR A 74 -4.38 4.71 26.84
N LEU A 75 -4.89 5.47 25.88
CA LEU A 75 -4.15 6.59 25.31
C LEU A 75 -5.11 7.74 25.02
N ILE A 76 -4.62 8.96 25.21
CA ILE A 76 -5.41 10.14 24.85
C ILE A 76 -4.65 11.03 23.87
N ASP A 77 -5.33 11.37 22.79
CA ASP A 77 -4.79 12.28 21.79
C ASP A 77 -5.30 13.68 22.09
N ILE A 78 -4.39 14.62 22.28
CA ILE A 78 -4.71 15.98 22.69
C ILE A 78 -4.80 16.95 21.52
N GLY A 79 -5.95 17.58 21.34
CA GLY A 79 -6.12 18.54 20.26
C GLY A 79 -6.01 17.87 18.90
N SER A 80 -6.75 16.78 18.73
CA SER A 80 -6.72 15.98 17.52
C SER A 80 -7.05 16.78 16.26
N GLY A 81 -7.84 17.83 16.42
CA GLY A 81 -8.38 18.52 15.26
C GLY A 81 -9.16 17.52 14.41
N PRO A 82 -9.08 17.68 13.09
CA PRO A 82 -9.77 16.78 12.16
C PRO A 82 -8.83 15.71 11.60
N THR A 83 -7.76 15.38 12.33
CA THR A 83 -6.75 14.48 11.77
C THR A 83 -6.55 13.21 12.58
N VAL A 84 -6.18 12.13 11.90
CA VAL A 84 -6.01 10.83 12.55
C VAL A 84 -4.63 10.23 12.31
N TYR A 85 -3.82 10.86 11.46
CA TYR A 85 -2.52 10.31 11.06
C TYR A 85 -1.64 10.11 12.28
N GLN A 86 -1.85 10.93 13.30
CA GLN A 86 -1.01 10.89 14.50
C GLN A 86 -1.22 9.64 15.33
N LEU A 87 -2.25 8.86 15.01
CA LEU A 87 -2.54 7.66 15.79
C LEU A 87 -2.34 6.37 15.00
N LEU A 88 -1.89 6.47 13.76
CA LEU A 88 -1.86 5.32 12.86
C LEU A 88 -0.97 4.20 13.39
N SER A 89 0.21 4.57 13.88
CA SER A 89 1.11 3.58 14.48
C SER A 89 0.70 3.28 15.90
N ALA A 90 0.11 4.25 16.56
CA ALA A 90 -0.24 4.12 17.97
C ALA A 90 -1.31 3.04 18.16
N CYS A 91 -2.30 3.02 17.28
CA CYS A 91 -3.52 2.26 17.53
C CYS A 91 -3.29 0.77 17.80
N SER A 92 -2.14 0.22 17.41
CA SER A 92 -1.91 -1.21 17.62
C SER A 92 -1.27 -1.52 18.97
N HIS A 93 -1.04 -0.47 19.77
CA HIS A 93 -0.44 -0.61 21.09
C HIS A 93 -1.40 -0.23 22.22
N PHE A 94 -2.56 0.32 21.86
CA PHE A 94 -3.50 0.83 22.86
C PHE A 94 -4.95 0.50 22.51
N GLU A 95 -5.56 -0.34 23.36
CA GLU A 95 -6.88 -0.86 23.06
C GLU A 95 -7.99 0.16 23.30
N ASP A 96 -7.69 1.19 24.08
CA ASP A 96 -8.67 2.23 24.38
C ASP A 96 -8.08 3.61 24.08
N ILE A 97 -8.59 4.23 23.02
CA ILE A 97 -8.11 5.52 22.58
C ILE A 97 -9.18 6.59 22.70
N THR A 98 -8.82 7.71 23.31
CA THR A 98 -9.70 8.85 23.41
C THR A 98 -9.14 9.97 22.54
N MET A 99 -9.94 10.46 21.60
CA MET A 99 -9.52 11.61 20.81
C MET A 99 -10.23 12.86 21.32
N THR A 100 -9.61 14.01 21.11
CA THR A 100 -10.13 15.24 21.68
C THR A 100 -9.96 16.45 20.76
N ASP A 101 -10.85 17.42 20.89
CA ASP A 101 -10.59 18.76 20.38
C ASP A 101 -11.48 19.81 21.02
N PHE A 102 -11.03 21.06 20.91
CA PHE A 102 -11.76 22.20 21.46
C PHE A 102 -13.02 22.48 20.65
N LEU A 103 -12.91 22.31 19.34
CA LEU A 103 -14.00 22.68 18.43
C LEU A 103 -14.96 21.53 18.11
N GLU A 104 -16.25 21.85 18.20
CA GLU A 104 -17.30 20.95 17.74
C GLU A 104 -17.10 20.54 16.27
N VAL A 105 -16.81 21.52 15.40
CA VAL A 105 -16.66 21.20 13.99
C VAL A 105 -15.56 20.16 13.74
N ASN A 106 -14.49 20.24 14.52
CA ASN A 106 -13.43 19.23 14.38
C ASN A 106 -13.88 17.85 14.84
N ARG A 107 -14.60 17.80 15.96
CA ARG A 107 -15.10 16.52 16.45
C ARG A 107 -16.06 15.88 15.45
N GLN A 108 -16.82 16.71 14.74
CA GLN A 108 -17.73 16.19 13.71
C GLN A 108 -16.95 15.65 12.53
N GLU A 109 -15.94 16.39 12.09
CA GLU A 109 -15.12 15.92 10.98
C GLU A 109 -14.46 14.57 11.32
N LEU A 110 -14.04 14.41 12.58
CA LEU A 110 -13.51 13.12 13.03
C LEU A 110 -14.58 12.04 12.91
N GLY A 111 -15.78 12.36 13.38
CA GLY A 111 -16.90 11.45 13.33
C GLY A 111 -17.15 10.93 11.94
N ARG A 112 -17.18 11.83 10.97
CA ARG A 112 -17.38 11.44 9.57
C ARG A 112 -16.36 10.41 9.12
N TRP A 113 -15.12 10.51 9.58
CA TRP A 113 -14.11 9.53 9.19
C TRP A 113 -14.22 8.26 9.99
N LEU A 114 -14.46 8.39 11.30
CA LEU A 114 -14.55 7.22 12.16
C LEU A 114 -15.76 6.34 11.80
N GLN A 115 -16.83 6.97 11.33
CA GLN A 115 -18.06 6.26 11.01
C GLN A 115 -18.16 5.98 9.53
N GLU A 116 -17.12 6.36 8.79
CA GLU A 116 -17.10 6.20 7.33
C GLU A 116 -18.30 6.87 6.66
N GLU A 117 -18.70 8.02 7.17
CA GLU A 117 -19.83 8.79 6.63
C GLU A 117 -19.44 9.50 5.34
N PRO A 118 -20.44 9.98 4.58
CA PRO A 118 -20.14 10.66 3.31
C PRO A 118 -19.25 11.89 3.49
N GLY A 119 -18.32 12.08 2.56
CA GLY A 119 -17.45 13.24 2.57
C GLY A 119 -16.46 13.26 3.70
N ALA A 120 -16.07 12.08 4.19
CA ALA A 120 -15.00 11.97 5.15
C ALA A 120 -13.69 12.29 4.44
N PHE A 121 -12.70 12.73 5.19
CA PHE A 121 -11.39 12.97 4.59
C PHE A 121 -10.74 11.64 4.20
N ASN A 122 -10.00 11.65 3.10
CA ASN A 122 -9.31 10.43 2.68
C ASN A 122 -7.88 10.35 3.25
N TRP A 123 -7.73 9.53 4.29
CA TRP A 123 -6.46 9.38 5.00
C TRP A 123 -5.64 8.21 4.49
N SER A 124 -6.16 7.53 3.47
CA SER A 124 -5.58 6.26 3.04
C SER A 124 -4.12 6.33 2.61
N MET A 125 -3.70 7.43 1.97
CA MET A 125 -2.27 7.59 1.66
C MET A 125 -1.41 7.51 2.91
N TYR A 126 -1.91 8.05 4.01
CA TYR A 126 -1.18 8.04 5.28
C TYR A 126 -1.22 6.66 5.92
N SER A 127 -2.38 6.01 5.84
CA SER A 127 -2.53 4.64 6.34
C SER A 127 -1.58 3.71 5.59
N GLN A 128 -1.61 3.81 4.26
CA GLN A 128 -0.72 3.03 3.42
C GLN A 128 0.72 3.26 3.84
N HIS A 129 1.10 4.53 3.98
CA HIS A 129 2.50 4.84 4.26
C HIS A 129 2.89 4.36 5.67
N ALA A 130 1.96 4.40 6.60
CA ALA A 130 2.21 3.87 7.95
C ALA A 130 2.45 2.36 7.89
N CYS A 131 1.61 1.66 7.12
CA CYS A 131 1.80 0.21 6.93
C CYS A 131 3.13 -0.08 6.26
N LEU A 132 3.47 0.71 5.26
CA LEU A 132 4.77 0.60 4.59
C LEU A 132 5.93 0.73 5.57
N ILE A 133 5.95 1.83 6.32
CA ILE A 133 7.00 2.10 7.31
C ILE A 133 7.09 1.02 8.38
N GLU A 134 5.95 0.56 8.89
CA GLU A 134 5.97 -0.37 10.01
C GLU A 134 6.58 -1.71 9.62
N GLY A 135 6.32 -2.14 8.38
CA GLY A 135 6.99 -3.30 7.84
C GLY A 135 6.48 -4.63 8.36
N LYS A 136 5.19 -4.67 8.73
CA LYS A 136 4.58 -5.89 9.23
C LYS A 136 3.74 -6.55 8.14
N GLY A 137 3.78 -5.99 6.95
CA GLY A 137 2.99 -6.51 5.84
C GLY A 137 1.49 -6.32 5.97
N GLU A 138 1.10 -5.36 6.79
CA GLU A 138 -0.32 -5.11 7.07
C GLU A 138 -0.94 -4.27 5.95
N CYS A 139 -2.14 -4.65 5.52
CA CYS A 139 -2.85 -3.85 4.53
C CYS A 139 -3.42 -2.59 5.21
N TRP A 140 -3.50 -1.50 4.45
CA TRP A 140 -3.91 -0.23 5.04
C TRP A 140 -5.34 -0.27 5.56
N GLN A 141 -6.18 -1.11 4.97
CA GLN A 141 -7.58 -1.24 5.40
C GLN A 141 -7.68 -1.85 6.80
N ASP A 142 -6.82 -2.82 7.11
CA ASP A 142 -6.83 -3.43 8.44
C ASP A 142 -6.36 -2.39 9.45
N LYS A 143 -5.34 -1.63 9.06
CA LYS A 143 -4.83 -0.57 9.91
C LYS A 143 -5.95 0.39 10.29
N GLU A 144 -6.69 0.88 9.29
CA GLU A 144 -7.76 1.84 9.55
C GLU A 144 -8.85 1.22 10.38
N ARG A 145 -9.19 -0.03 10.07
CA ARG A 145 -10.19 -0.77 10.82
C ARG A 145 -9.83 -0.78 12.30
N GLN A 146 -8.58 -1.12 12.61
CA GLN A 146 -8.12 -1.20 13.99
C GLN A 146 -8.16 0.16 14.69
N LEU A 147 -7.82 1.22 13.95
CA LEU A 147 -7.87 2.56 14.51
C LEU A 147 -9.32 2.92 14.87
N ARG A 148 -10.21 2.72 13.91
CA ARG A 148 -11.62 3.05 14.10
C ARG A 148 -12.21 2.25 15.26
N ALA A 149 -11.70 1.05 15.47
CA ALA A 149 -12.25 0.15 16.48
C ALA A 149 -11.77 0.53 17.86
N ARG A 150 -10.54 1.01 17.95
CA ARG A 150 -9.94 1.32 19.23
C ARG A 150 -10.26 2.74 19.73
N VAL A 151 -10.61 3.64 18.83
CA VAL A 151 -11.02 4.97 19.25
C VAL A 151 -12.40 4.89 19.89
N LYS A 152 -12.42 4.83 21.22
CA LYS A 152 -13.66 4.64 21.95
C LYS A 152 -14.54 5.89 21.97
N ARG A 153 -13.91 7.06 22.13
CA ARG A 153 -14.67 8.29 22.32
C ARG A 153 -13.95 9.53 21.79
N VAL A 154 -14.73 10.52 21.35
CA VAL A 154 -14.19 11.81 20.94
C VAL A 154 -14.74 12.91 21.85
N LEU A 155 -13.87 13.50 22.68
CA LEU A 155 -14.29 14.43 23.74
C LEU A 155 -13.82 15.88 23.53
N PRO A 156 -14.62 16.84 24.03
CA PRO A 156 -14.21 18.25 24.07
C PRO A 156 -13.04 18.40 25.01
N ILE A 157 -12.22 19.41 24.79
CA ILE A 157 -11.04 19.62 25.62
C ILE A 157 -10.60 21.08 25.54
N ASP A 158 -9.95 21.55 26.60
CA ASP A 158 -9.39 22.89 26.63
C ASP A 158 -8.13 22.84 27.49
N VAL A 159 -6.96 22.87 26.84
CA VAL A 159 -5.70 22.66 27.54
C VAL A 159 -5.34 23.84 28.45
N HIS A 160 -6.14 24.90 28.41
CA HIS A 160 -5.91 26.03 29.29
C HIS A 160 -6.54 25.81 30.66
N GLN A 161 -7.49 24.88 30.74
CA GLN A 161 -8.09 24.52 32.02
C GLN A 161 -7.22 23.49 32.75
N PRO A 162 -7.03 23.70 34.06
CA PRO A 162 -6.28 22.82 34.97
C PRO A 162 -6.67 21.36 34.79
N GLN A 163 -7.97 21.11 34.60
CA GLN A 163 -8.45 19.80 34.21
C GLN A 163 -8.97 19.93 32.78
N PRO A 164 -8.08 19.73 31.80
CA PRO A 164 -8.37 19.97 30.38
C PRO A 164 -9.59 19.23 29.85
N LEU A 165 -9.92 18.09 30.46
CA LEU A 165 -11.06 17.29 30.01
C LEU A 165 -12.34 17.54 30.80
N GLY A 166 -12.27 18.40 31.81
CA GLY A 166 -13.40 18.62 32.68
C GLY A 166 -13.31 17.76 33.92
N ALA A 167 -14.37 17.77 34.72
CA ALA A 167 -14.36 17.10 36.01
C ALA A 167 -14.77 15.62 35.94
N GLY A 168 -15.87 15.33 35.26
CA GLY A 168 -16.39 13.98 35.21
C GLY A 168 -16.26 13.32 33.85
N SER A 169 -15.05 13.36 33.30
CA SER A 169 -14.80 12.88 31.95
C SER A 169 -14.99 11.37 31.81
N PRO A 170 -15.63 10.95 30.71
CA PRO A 170 -15.82 9.55 30.32
C PRO A 170 -14.49 8.88 29.99
N ALA A 171 -13.41 9.65 30.00
CA ALA A 171 -12.09 9.12 29.65
C ALA A 171 -11.41 8.46 30.84
N PRO A 172 -10.89 7.25 30.64
CA PRO A 172 -10.18 6.51 31.69
C PRO A 172 -8.90 7.24 32.08
N LEU A 173 -8.82 7.67 33.33
CA LEU A 173 -7.65 8.41 33.81
C LEU A 173 -7.02 7.72 35.01
N PRO A 174 -5.69 7.81 35.13
CA PRO A 174 -4.83 8.53 34.18
C PRO A 174 -4.48 7.65 32.99
N ALA A 175 -4.23 8.26 31.84
CA ALA A 175 -3.86 7.51 30.64
C ALA A 175 -2.47 6.91 30.79
N ASP A 176 -2.20 5.84 30.05
CA ASP A 176 -0.86 5.27 30.07
C ASP A 176 0.06 6.05 29.13
N ALA A 177 -0.54 6.81 28.22
CA ALA A 177 0.22 7.53 27.21
C ALA A 177 -0.59 8.70 26.63
N LEU A 178 0.12 9.75 26.24
CA LEU A 178 -0.49 10.88 25.55
C LEU A 178 0.13 11.07 24.18
N VAL A 179 -0.66 11.55 23.24
CA VAL A 179 -0.13 12.04 21.98
C VAL A 179 -0.74 13.40 21.76
N SER A 180 0.00 14.30 21.12
CA SER A 180 -0.55 15.58 20.72
C SER A 180 0.28 16.19 19.62
N ALA A 181 -0.39 16.68 18.59
CA ALA A 181 0.31 17.20 17.43
C ALA A 181 -0.20 18.57 17.00
N PHE A 182 0.72 19.54 16.97
CA PHE A 182 0.42 20.87 16.48
C PHE A 182 -0.68 21.57 17.28
N CYS A 183 -0.77 21.27 18.56
CA CYS A 183 -1.81 21.87 19.38
C CYS A 183 -1.29 22.98 20.31
N LEU A 184 -0.41 22.59 21.23
CA LEU A 184 0.00 23.48 22.31
C LEU A 184 0.52 24.82 21.83
N GLU A 185 1.49 24.81 20.92
CA GLU A 185 2.05 26.05 20.40
C GLU A 185 1.00 26.86 19.63
N ALA A 186 0.04 26.15 19.05
CA ALA A 186 -0.97 26.76 18.20
C ALA A 186 -2.16 27.35 18.97
N VAL A 187 -2.21 27.15 20.29
CA VAL A 187 -3.29 27.71 21.10
C VAL A 187 -2.77 28.59 22.25
N SER A 188 -1.45 28.77 22.29
CA SER A 188 -0.81 29.53 23.36
C SER A 188 -0.20 30.84 22.85
N PRO A 189 -0.54 31.96 23.50
CA PRO A 189 -0.07 33.32 23.17
C PRO A 189 1.44 33.50 23.32
N ASP A 190 2.04 32.79 24.27
CA ASP A 190 3.46 32.98 24.54
C ASP A 190 4.03 31.77 25.25
N LEU A 191 5.34 31.79 25.48
CA LEU A 191 6.02 30.64 26.04
C LEU A 191 5.39 30.20 27.35
N ALA A 192 5.07 31.17 28.21
CA ALA A 192 4.53 30.86 29.53
C ALA A 192 3.20 30.11 29.46
N SER A 193 2.28 30.64 28.66
CA SER A 193 0.99 29.98 28.47
C SER A 193 1.18 28.58 27.87
N PHE A 194 2.18 28.45 27.00
CA PHE A 194 2.53 27.16 26.41
C PHE A 194 2.96 26.18 27.50
N GLN A 195 3.82 26.64 28.41
CA GLN A 195 4.31 25.79 29.50
C GLN A 195 3.18 25.35 30.41
N ARG A 196 2.24 26.25 30.68
CA ARG A 196 1.13 25.92 31.55
C ARG A 196 0.23 24.88 30.91
N ALA A 197 -0.11 25.11 29.65
CA ALA A 197 -0.87 24.12 28.88
C ALA A 197 -0.20 22.75 28.99
N LEU A 198 1.11 22.69 28.86
CA LEU A 198 1.85 21.43 29.02
C LEU A 198 1.63 20.83 30.41
N ASP A 199 1.64 21.68 31.43
CA ASP A 199 1.39 21.23 32.81
C ASP A 199 -0.01 20.66 32.94
N HIS A 200 -0.99 21.37 32.38
CA HIS A 200 -2.36 20.92 32.41
C HIS A 200 -2.55 19.53 31.79
N ILE A 201 -1.98 19.31 30.60
CA ILE A 201 -2.18 18.02 29.96
C ILE A 201 -1.34 16.95 30.64
N THR A 202 -0.23 17.35 31.24
CA THR A 202 0.60 16.39 31.95
C THR A 202 -0.14 15.72 33.10
N THR A 203 -1.07 16.44 33.73
CA THR A 203 -1.83 15.88 34.85
C THR A 203 -2.69 14.69 34.43
N LEU A 204 -2.92 14.57 33.13
CA LEU A 204 -3.75 13.50 32.59
C LEU A 204 -2.96 12.21 32.43
N LEU A 205 -1.65 12.31 32.63
CA LEU A 205 -0.75 11.20 32.32
C LEU A 205 -0.22 10.53 33.59
N ARG A 206 -0.35 9.21 33.62
CA ARG A 206 0.14 8.41 34.72
C ARG A 206 1.65 8.53 34.84
N PRO A 207 2.16 8.59 36.08
CA PRO A 207 3.61 8.58 36.29
C PRO A 207 4.23 7.42 35.54
N GLY A 208 5.41 7.63 34.93
CA GLY A 208 6.06 6.59 34.17
C GLY A 208 5.43 6.41 32.80
N GLY A 209 4.40 7.20 32.51
CA GLY A 209 3.73 7.15 31.23
C GLY A 209 4.47 7.94 30.16
N HIS A 210 4.05 7.79 28.90
CA HIS A 210 4.77 8.45 27.81
C HIS A 210 3.95 9.51 27.09
N LEU A 211 4.65 10.57 26.67
CA LEU A 211 4.07 11.59 25.81
C LEU A 211 4.81 11.65 24.49
N LEU A 212 4.06 11.55 23.40
CA LEU A 212 4.62 11.81 22.08
C LEU A 212 4.04 13.15 21.62
N LEU A 213 4.93 14.11 21.41
CA LEU A 213 4.52 15.46 21.08
C LEU A 213 5.14 15.90 19.76
N ILE A 214 4.28 16.35 18.85
CA ILE A 214 4.71 16.89 17.58
C ILE A 214 4.25 18.34 17.53
N GLY A 215 5.09 19.22 16.99
CA GLY A 215 4.76 20.62 16.97
C GLY A 215 5.53 21.40 15.92
N ALA A 216 5.06 22.62 15.67
CA ALA A 216 5.71 23.50 14.72
C ALA A 216 6.80 24.30 15.42
N LEU A 217 7.93 24.47 14.73
CA LEU A 217 9.07 25.25 15.22
C LEU A 217 9.10 26.64 14.58
N GLU A 218 9.22 27.67 15.43
CA GLU A 218 9.29 29.06 14.98
C GLU A 218 8.16 29.47 14.04
N GLU A 219 6.95 29.04 14.37
CA GLU A 219 5.76 29.43 13.61
C GLU A 219 5.05 30.53 14.39
N SER A 220 4.45 31.50 13.67
CA SER A 220 3.74 32.58 14.35
C SER A 220 2.27 32.69 13.94
N TRP A 221 1.93 32.14 12.77
CA TRP A 221 0.54 32.18 12.29
C TRP A 221 0.29 31.08 11.28
N TYR A 222 -0.98 30.70 11.13
CA TYR A 222 -1.43 29.87 10.02
C TYR A 222 -2.88 30.13 9.70
N LEU A 223 -3.31 29.66 8.55
CA LEU A 223 -4.66 29.95 8.07
C LEU A 223 -5.50 28.71 8.01
N ALA A 224 -6.76 28.84 8.41
CA ALA A 224 -7.74 27.78 8.25
C ALA A 224 -9.01 28.36 7.63
N GLY A 225 -8.95 28.63 6.34
CA GLY A 225 -10.07 29.22 5.63
C GLY A 225 -10.17 30.70 5.95
N GLU A 226 -11.21 31.08 6.67
CA GLU A 226 -11.41 32.47 7.07
C GLU A 226 -10.67 32.75 8.37
N ALA A 227 -10.35 31.70 9.12
CA ALA A 227 -9.64 31.89 10.38
C ALA A 227 -8.15 32.11 10.16
N ARG A 228 -7.62 33.09 10.86
CA ARG A 228 -6.19 33.37 10.88
C ARG A 228 -5.75 33.23 12.33
N LEU A 229 -4.95 32.21 12.61
CA LEU A 229 -4.60 31.88 13.99
C LEU A 229 -3.20 32.35 14.35
N THR A 230 -3.04 32.72 15.61
CA THR A 230 -1.75 33.13 16.15
C THR A 230 -1.05 31.93 16.77
N VAL A 231 0.25 31.84 16.56
CA VAL A 231 1.05 30.74 17.08
C VAL A 231 2.22 31.35 17.84
N VAL A 232 2.61 30.75 18.95
CA VAL A 232 3.84 31.15 19.61
C VAL A 232 5.03 30.47 18.95
N PRO A 233 6.01 31.27 18.52
CA PRO A 233 7.20 30.74 17.85
C PRO A 233 8.14 30.09 18.88
N VAL A 234 8.25 28.77 18.85
CA VAL A 234 9.13 28.09 19.79
C VAL A 234 10.28 27.36 19.12
N SER A 235 11.36 27.20 19.87
CA SER A 235 12.58 26.54 19.39
C SER A 235 12.68 25.15 20.02
N GLU A 236 13.62 24.35 19.53
CA GLU A 236 13.85 23.02 20.07
C GLU A 236 14.27 23.07 21.54
N GLU A 237 15.20 23.97 21.87
CA GLU A 237 15.68 24.10 23.24
C GLU A 237 14.55 24.55 24.15
N GLU A 238 13.70 25.45 23.66
CA GLU A 238 12.55 25.87 24.44
C GLU A 238 11.63 24.69 24.70
N VAL A 239 11.41 23.87 23.67
CA VAL A 239 10.56 22.69 23.83
C VAL A 239 11.20 21.73 24.84
N ARG A 240 12.51 21.50 24.70
CA ARG A 240 13.20 20.61 25.62
C ARG A 240 13.05 21.08 27.07
N GLU A 241 13.27 22.38 27.30
CA GLU A 241 13.24 22.90 28.65
C GLU A 241 11.85 22.83 29.25
N ALA A 242 10.83 23.06 28.44
CA ALA A 242 9.44 22.98 28.91
C ALA A 242 9.11 21.56 29.39
N LEU A 243 9.46 20.57 28.56
CA LEU A 243 9.26 19.18 28.93
C LEU A 243 9.94 18.86 30.26
N VAL A 244 11.16 19.38 30.42
CA VAL A 244 11.89 19.17 31.66
C VAL A 244 11.13 19.78 32.83
N ARG A 245 10.79 21.05 32.70
CA ARG A 245 10.08 21.77 33.75
C ARG A 245 8.74 21.14 34.11
N SER A 246 8.13 20.43 33.17
CA SER A 246 6.85 19.77 33.44
C SER A 246 7.03 18.40 34.08
N GLY A 247 8.29 18.01 34.31
CA GLY A 247 8.58 16.77 34.99
C GLY A 247 8.81 15.57 34.09
N TYR A 248 9.20 15.80 32.84
CA TYR A 248 9.49 14.71 31.91
C TYR A 248 10.99 14.46 31.78
N LYS A 249 11.35 13.21 31.48
CA LYS A 249 12.68 12.90 30.96
C LYS A 249 12.57 12.80 29.44
N VAL A 250 13.35 13.62 28.74
CA VAL A 250 13.33 13.64 27.28
C VAL A 250 14.10 12.46 26.71
N ARG A 251 13.37 11.47 26.21
CA ARG A 251 13.98 10.27 25.64
C ARG A 251 14.45 10.55 24.21
N ASP A 252 13.75 11.44 23.53
CA ASP A 252 14.04 11.73 22.15
C ASP A 252 13.47 13.09 21.73
N LEU A 253 14.27 13.84 20.98
CA LEU A 253 13.81 15.11 20.44
C LEU A 253 14.49 15.37 19.10
N ARG A 254 13.69 15.39 18.03
CA ARG A 254 14.21 15.49 16.67
C ARG A 254 13.58 16.69 15.95
N THR A 255 14.34 17.26 15.03
CA THR A 255 13.84 18.39 14.23
C THR A 255 13.82 18.09 12.73
N TYR A 256 12.71 18.45 12.09
CA TYR A 256 12.62 18.42 10.64
C TYR A 256 12.63 19.85 10.15
N ILE A 257 13.64 20.21 9.38
CA ILE A 257 13.72 21.53 8.78
C ILE A 257 12.85 21.57 7.51
N MET A 258 11.96 22.55 7.45
CA MET A 258 10.93 22.65 6.41
C MET A 258 11.56 23.10 5.08
N PRO A 259 11.49 22.26 4.04
CA PRO A 259 12.11 22.66 2.77
C PRO A 259 11.29 23.71 2.04
N ALA A 260 11.94 24.46 1.15
CA ALA A 260 11.31 25.52 0.38
C ALA A 260 9.98 25.09 -0.23
N HIS A 261 9.97 23.94 -0.90
CA HIS A 261 8.78 23.50 -1.63
C HIS A 261 7.55 23.23 -0.76
N LEU A 262 7.74 23.07 0.55
CA LEU A 262 6.61 22.85 1.45
C LEU A 262 6.25 24.11 2.25
N GLN A 263 6.91 25.22 1.92
CA GLN A 263 6.55 26.51 2.48
C GLN A 263 5.58 27.22 1.55
N THR A 264 4.28 27.14 1.86
CA THR A 264 3.24 27.34 0.85
C THR A 264 2.31 28.53 1.00
N GLY A 265 2.55 29.42 1.95
CA GLY A 265 1.63 30.52 2.09
C GLY A 265 0.47 30.27 3.04
N VAL A 266 0.33 29.05 3.54
CA VAL A 266 -0.72 28.78 4.54
C VAL A 266 -0.26 29.04 5.97
N ASP A 267 1.04 29.23 6.15
CA ASP A 267 1.62 29.56 7.44
C ASP A 267 3.06 30.01 7.26
N ASP A 268 3.79 30.11 8.37
CA ASP A 268 5.21 30.45 8.28
C ASP A 268 6.07 29.48 9.10
N VAL A 269 5.61 28.23 9.24
CA VAL A 269 6.34 27.25 10.01
C VAL A 269 7.76 27.09 9.44
N LYS A 270 8.75 27.01 10.32
CA LYS A 270 10.14 26.87 9.89
C LYS A 270 10.60 25.42 9.95
N GLY A 271 10.14 24.71 10.98
CA GLY A 271 10.48 23.30 11.15
C GLY A 271 9.40 22.58 11.92
N VAL A 272 9.52 21.25 12.00
CA VAL A 272 8.63 20.46 12.83
C VAL A 272 9.49 19.70 13.84
N PHE A 273 9.04 19.63 15.08
CA PHE A 273 9.76 18.88 16.08
C PHE A 273 8.98 17.65 16.49
N PHE A 274 9.70 16.58 16.83
CA PHE A 274 9.09 15.41 17.42
C PHE A 274 9.77 15.16 18.75
N ALA A 275 8.97 15.04 19.81
CA ALA A 275 9.51 14.76 21.13
C ALA A 275 8.88 13.52 21.73
N TRP A 276 9.72 12.60 22.17
CA TRP A 276 9.28 11.46 22.96
C TRP A 276 9.70 11.71 24.42
N ALA A 277 8.72 12.01 25.27
CA ALA A 277 8.99 12.31 26.67
C ALA A 277 8.34 11.31 27.61
N GLN A 278 9.03 10.99 28.71
CA GLN A 278 8.48 10.09 29.73
C GLN A 278 8.31 10.78 31.08
N LYS A 279 7.08 10.82 31.57
CA LYS A 279 6.77 11.43 32.86
C LYS A 279 7.47 10.64 33.96
N VAL A 280 8.32 11.31 34.72
CA VAL A 280 9.05 10.61 35.78
C VAL A 280 8.20 10.50 37.03
N PRO B 14 0.04 -36.75 -32.76
CA PRO B 14 -1.31 -36.51 -33.26
C PRO B 14 -1.50 -35.10 -33.85
N ASP B 15 -2.75 -34.80 -34.17
CA ASP B 15 -3.11 -33.54 -34.81
C ASP B 15 -3.51 -32.52 -33.75
N SER B 16 -2.99 -31.30 -33.88
CA SER B 16 -3.23 -30.29 -32.85
C SER B 16 -4.28 -29.27 -33.27
N ALA B 17 -4.43 -29.08 -34.57
CA ALA B 17 -5.33 -28.07 -35.11
C ALA B 17 -6.75 -28.06 -34.53
N PRO B 18 -7.39 -29.23 -34.45
CA PRO B 18 -8.77 -29.22 -33.95
C PRO B 18 -8.87 -28.67 -32.52
N GLY B 19 -8.09 -29.23 -31.60
CA GLY B 19 -8.11 -28.78 -30.23
C GLY B 19 -7.85 -27.29 -30.12
N GLN B 20 -6.84 -26.82 -30.87
CA GLN B 20 -6.50 -25.41 -30.86
C GLN B 20 -7.63 -24.56 -31.40
N ALA B 21 -8.38 -25.12 -32.35
CA ALA B 21 -9.51 -24.42 -32.95
C ALA B 21 -10.65 -24.27 -31.95
N ALA B 22 -10.84 -25.30 -31.12
CA ALA B 22 -11.84 -25.24 -30.05
C ALA B 22 -11.47 -24.15 -29.06
N VAL B 23 -10.19 -24.09 -28.71
CA VAL B 23 -9.68 -23.08 -27.77
C VAL B 23 -9.93 -21.68 -28.33
N ALA B 24 -9.48 -21.43 -29.55
CA ALA B 24 -9.71 -20.15 -30.20
C ALA B 24 -11.19 -19.78 -30.21
N SER B 25 -12.04 -20.76 -30.53
CA SER B 25 -13.48 -20.55 -30.57
C SER B 25 -14.03 -20.17 -29.20
N ALA B 26 -13.71 -20.97 -28.20
CA ALA B 26 -14.18 -20.71 -26.84
C ALA B 26 -13.81 -19.30 -26.38
N TYR B 27 -12.60 -18.86 -26.69
CA TYR B 27 -12.10 -17.58 -26.20
C TYR B 27 -12.76 -16.37 -26.84
N GLN B 28 -13.52 -16.61 -27.89
CA GLN B 28 -14.22 -15.52 -28.57
C GLN B 28 -15.32 -14.98 -27.69
N ARG B 29 -15.61 -15.69 -26.59
CA ARG B 29 -16.64 -15.27 -25.65
C ARG B 29 -16.06 -14.82 -24.31
N PHE B 30 -14.73 -14.87 -24.19
CA PHE B 30 -14.01 -14.44 -22.99
C PHE B 30 -14.33 -12.97 -22.67
N GLU B 31 -14.82 -12.72 -21.46
CA GLU B 31 -15.19 -11.35 -21.04
C GLU B 31 -14.23 -10.81 -19.98
N PRO B 32 -13.32 -9.91 -20.37
CA PRO B 32 -12.24 -9.44 -19.50
C PRO B 32 -12.70 -8.95 -18.13
N ARG B 33 -13.78 -8.17 -18.10
CA ARG B 33 -14.28 -7.64 -16.84
C ARG B 33 -14.79 -8.72 -15.91
N ALA B 34 -15.48 -9.70 -16.47
CA ALA B 34 -15.95 -10.82 -15.65
C ALA B 34 -14.74 -11.61 -15.15
N TYR B 35 -13.74 -11.78 -16.02
CA TYR B 35 -12.51 -12.47 -15.63
C TYR B 35 -11.79 -11.74 -14.49
N LEU B 36 -11.64 -10.42 -14.64
CA LEU B 36 -10.97 -9.61 -13.62
C LEU B 36 -11.66 -9.71 -12.28
N ARG B 37 -12.99 -9.62 -12.31
CA ARG B 37 -13.78 -9.66 -11.08
C ARG B 37 -13.73 -11.03 -10.41
N ASN B 38 -13.77 -12.08 -11.23
CA ASN B 38 -13.73 -13.46 -10.75
C ASN B 38 -12.43 -13.82 -10.04
N ASN B 39 -11.32 -13.19 -10.43
CA ASN B 39 -9.98 -13.61 -10.00
C ASN B 39 -9.16 -12.54 -9.26
N TYR B 40 -9.46 -11.27 -9.51
CA TYR B 40 -8.63 -10.20 -8.98
C TYR B 40 -9.39 -9.16 -8.15
N ALA B 41 -10.67 -9.41 -7.93
CA ALA B 41 -11.46 -8.68 -6.92
C ALA B 41 -11.72 -9.63 -5.74
N PRO B 42 -12.09 -9.10 -4.57
CA PRO B 42 -12.31 -9.97 -3.40
C PRO B 42 -13.28 -11.10 -3.70
N PRO B 43 -13.11 -12.26 -3.05
CA PRO B 43 -12.11 -12.53 -2.01
C PRO B 43 -10.71 -12.86 -2.53
N ARG B 44 -10.61 -13.39 -3.75
CA ARG B 44 -9.29 -13.72 -4.30
C ARG B 44 -8.42 -12.48 -4.41
N GLY B 45 -9.05 -11.35 -4.69
CA GLY B 45 -8.33 -10.09 -4.80
C GLY B 45 -8.21 -9.34 -3.49
N ASP B 46 -8.48 -10.01 -2.39
CA ASP B 46 -8.29 -9.41 -1.07
C ASP B 46 -6.86 -9.67 -0.61
N LEU B 47 -6.08 -8.61 -0.56
CA LEU B 47 -4.66 -8.74 -0.26
C LEU B 47 -4.38 -8.59 1.24
N CYS B 48 -5.44 -8.43 2.03
CA CYS B 48 -5.28 -8.26 3.46
C CYS B 48 -4.84 -9.54 4.18
N ASN B 49 -5.46 -10.66 3.85
CA ASN B 49 -5.04 -11.92 4.46
C ASN B 49 -3.73 -12.41 3.86
N PRO B 50 -2.68 -12.51 4.68
CA PRO B 50 -1.35 -12.91 4.24
C PRO B 50 -1.32 -14.36 3.76
N ASN B 51 -2.36 -15.13 4.07
CA ASN B 51 -2.44 -16.54 3.66
C ASN B 51 -3.19 -16.72 2.35
N GLY B 52 -3.70 -15.63 1.80
CA GLY B 52 -4.46 -15.66 0.57
C GLY B 52 -3.56 -15.82 -0.64
N VAL B 53 -4.17 -16.16 -1.77
CA VAL B 53 -3.43 -16.46 -2.98
C VAL B 53 -2.80 -15.21 -3.59
N GLY B 54 -3.46 -14.07 -3.45
CA GLY B 54 -2.92 -12.82 -3.94
C GLY B 54 -1.54 -12.54 -3.37
N PRO B 55 -1.45 -12.38 -2.05
CA PRO B 55 -0.15 -12.16 -1.39
C PRO B 55 0.89 -13.22 -1.73
N TRP B 56 0.48 -14.49 -1.82
CA TRP B 56 1.42 -15.57 -2.14
C TRP B 56 2.11 -15.38 -3.51
N LYS B 57 1.30 -15.15 -4.55
CA LYS B 57 1.85 -14.87 -5.88
C LYS B 57 2.82 -13.69 -5.85
N LEU B 58 2.37 -12.57 -5.27
CA LEU B 58 3.20 -11.36 -5.21
C LEU B 58 4.49 -11.60 -4.45
N ARG B 59 4.40 -12.37 -3.38
CA ARG B 59 5.56 -12.72 -2.59
C ARG B 59 6.55 -13.53 -3.44
N CYS B 60 6.03 -14.55 -4.15
CA CYS B 60 6.89 -15.38 -4.98
C CYS B 60 7.69 -14.55 -5.97
N LEU B 61 7.02 -13.61 -6.61
CA LEU B 61 7.63 -12.76 -7.62
C LEU B 61 8.65 -11.81 -6.97
N ALA B 62 8.22 -11.15 -5.90
CA ALA B 62 9.09 -10.22 -5.15
C ALA B 62 10.38 -10.88 -4.70
N GLN B 63 10.24 -11.96 -3.94
CA GLN B 63 11.38 -12.71 -3.46
C GLN B 63 12.31 -13.15 -4.58
N THR B 64 11.74 -13.55 -5.72
CA THR B 64 12.59 -14.01 -6.80
C THR B 64 13.44 -12.87 -7.33
N PHE B 65 12.83 -11.71 -7.57
CA PHE B 65 13.57 -10.56 -8.07
C PHE B 65 14.56 -10.01 -7.05
N ALA B 66 14.24 -10.16 -5.76
CA ALA B 66 15.10 -9.71 -4.68
C ALA B 66 16.45 -10.45 -4.61
N THR B 67 16.54 -11.62 -5.25
CA THR B 67 17.82 -12.32 -5.33
C THR B 67 18.81 -11.58 -6.21
N GLY B 68 18.31 -10.69 -7.06
CA GLY B 68 19.14 -9.98 -8.01
C GLY B 68 19.59 -10.87 -9.17
N GLU B 69 19.24 -12.15 -9.12
CA GLU B 69 19.68 -13.08 -10.16
C GLU B 69 18.91 -12.93 -11.47
N VAL B 70 17.73 -12.35 -11.38
CA VAL B 70 16.90 -12.18 -12.58
C VAL B 70 16.91 -10.73 -13.04
N SER B 71 17.81 -10.43 -13.96
CA SER B 71 17.89 -9.09 -14.53
C SER B 71 18.31 -9.14 -15.99
N GLY B 72 18.35 -7.96 -16.59
CA GLY B 72 18.64 -7.84 -18.01
C GLY B 72 17.97 -6.58 -18.51
N ARG B 73 17.87 -6.45 -19.83
CA ARG B 73 17.29 -5.26 -20.43
C ARG B 73 15.85 -5.49 -20.83
N THR B 74 15.57 -6.66 -21.39
CA THR B 74 14.25 -6.90 -21.97
C THR B 74 13.47 -8.08 -21.39
N LEU B 75 12.18 -7.83 -21.18
CA LEU B 75 11.28 -8.82 -20.61
C LEU B 75 10.04 -8.97 -21.49
N ILE B 76 9.55 -10.19 -21.64
CA ILE B 76 8.30 -10.44 -22.36
C ILE B 76 7.32 -11.18 -21.45
N ASP B 77 6.16 -10.58 -21.22
CA ASP B 77 5.09 -11.23 -20.48
C ASP B 77 4.20 -11.97 -21.47
N ILE B 78 3.98 -13.27 -21.22
CA ILE B 78 3.31 -14.17 -22.17
C ILE B 78 1.86 -14.41 -21.78
N GLY B 79 0.94 -13.97 -22.61
CA GLY B 79 -0.47 -14.12 -22.30
C GLY B 79 -0.91 -13.26 -21.13
N SER B 80 -0.57 -11.98 -21.18
CA SER B 80 -0.85 -11.06 -20.07
C SER B 80 -2.33 -11.00 -19.76
N GLY B 81 -3.18 -11.20 -20.77
CA GLY B 81 -4.60 -11.00 -20.59
C GLY B 81 -4.86 -9.56 -20.20
N PRO B 82 -5.86 -9.34 -19.34
CA PRO B 82 -6.15 -7.97 -18.89
C PRO B 82 -5.48 -7.60 -17.57
N THR B 83 -4.41 -8.29 -17.17
CA THR B 83 -3.82 -8.10 -15.84
C THR B 83 -2.35 -7.63 -15.88
N VAL B 84 -1.93 -6.94 -14.81
CA VAL B 84 -0.60 -6.37 -14.75
C VAL B 84 0.12 -6.72 -13.46
N TYR B 85 -0.61 -7.31 -12.50
CA TYR B 85 -0.05 -7.66 -11.19
C TYR B 85 1.25 -8.45 -11.34
N GLN B 86 1.31 -9.29 -12.37
CA GLN B 86 2.43 -10.20 -12.59
C GLN B 86 3.71 -9.46 -12.95
N LEU B 87 3.61 -8.16 -13.21
CA LEU B 87 4.77 -7.38 -13.63
C LEU B 87 5.20 -6.34 -12.59
N LEU B 88 4.48 -6.30 -11.46
CA LEU B 88 4.70 -5.25 -10.47
C LEU B 88 6.12 -5.24 -9.91
N SER B 89 6.65 -6.40 -9.54
CA SER B 89 8.00 -6.49 -9.01
C SER B 89 9.04 -6.54 -10.13
N ALA B 90 8.62 -7.05 -11.28
CA ALA B 90 9.51 -7.19 -12.42
C ALA B 90 9.96 -5.83 -12.95
N CYS B 91 9.09 -4.84 -12.90
CA CYS B 91 9.36 -3.61 -13.63
C CYS B 91 10.56 -2.82 -13.10
N SER B 92 11.01 -3.09 -11.86
CA SER B 92 12.22 -2.44 -11.34
C SER B 92 13.48 -2.98 -12.00
N HIS B 93 13.37 -4.13 -12.67
CA HIS B 93 14.57 -4.83 -13.14
C HIS B 93 14.69 -4.89 -14.67
N PHE B 94 13.68 -4.42 -15.38
CA PHE B 94 13.71 -4.45 -16.84
C PHE B 94 13.24 -3.15 -17.45
N GLU B 95 14.09 -2.53 -18.27
CA GLU B 95 13.77 -1.25 -18.86
C GLU B 95 12.76 -1.42 -19.99
N ASP B 96 12.79 -2.57 -20.64
CA ASP B 96 11.93 -2.79 -21.80
C ASP B 96 11.01 -3.99 -21.59
N ILE B 97 9.72 -3.71 -21.45
CA ILE B 97 8.74 -4.76 -21.22
C ILE B 97 7.76 -4.90 -22.39
N THR B 98 7.60 -6.13 -22.87
CA THR B 98 6.58 -6.44 -23.85
C THR B 98 5.44 -7.23 -23.22
N MET B 99 4.22 -6.70 -23.29
CA MET B 99 3.03 -7.44 -22.89
C MET B 99 2.38 -8.04 -24.13
N THR B 100 1.62 -9.11 -23.95
CA THR B 100 1.06 -9.82 -25.09
C THR B 100 -0.30 -10.42 -24.75
N ASP B 101 -1.17 -10.55 -25.75
CA ASP B 101 -2.32 -11.43 -25.62
C ASP B 101 -2.99 -11.83 -26.94
N PHE B 102 -3.62 -12.99 -26.90
CA PHE B 102 -4.37 -13.53 -28.03
C PHE B 102 -5.55 -12.62 -28.39
N LEU B 103 -6.27 -12.16 -27.38
CA LEU B 103 -7.49 -11.40 -27.59
C LEU B 103 -7.28 -9.89 -27.67
N GLU B 104 -7.71 -9.30 -28.77
CA GLU B 104 -7.73 -7.85 -28.87
C GLU B 104 -8.42 -7.18 -27.67
N VAL B 105 -9.56 -7.71 -27.24
CA VAL B 105 -10.27 -7.09 -26.13
C VAL B 105 -9.44 -7.03 -24.85
N ASN B 106 -8.53 -7.99 -24.66
CA ASN B 106 -7.63 -7.92 -23.51
C ASN B 106 -6.59 -6.83 -23.72
N ARG B 107 -6.04 -6.75 -24.93
CA ARG B 107 -5.06 -5.73 -25.24
C ARG B 107 -5.66 -4.33 -25.09
N GLN B 108 -6.96 -4.18 -25.36
CA GLN B 108 -7.65 -2.91 -25.17
C GLN B 108 -7.79 -2.59 -23.69
N GLU B 109 -8.04 -3.63 -22.90
CA GLU B 109 -8.17 -3.48 -21.46
C GLU B 109 -6.85 -2.97 -20.90
N LEU B 110 -5.73 -3.52 -21.36
CA LEU B 110 -4.41 -3.03 -20.98
C LEU B 110 -4.22 -1.60 -21.46
N GLY B 111 -4.73 -1.32 -22.66
CA GLY B 111 -4.68 0.02 -23.23
C GLY B 111 -5.30 1.04 -22.29
N ARG B 112 -6.39 0.66 -21.64
CA ARG B 112 -7.10 1.56 -20.74
C ARG B 112 -6.24 1.86 -19.54
N TRP B 113 -5.59 0.83 -19.01
CA TRP B 113 -4.78 1.01 -17.82
C TRP B 113 -3.56 1.83 -18.16
N LEU B 114 -2.93 1.51 -19.30
CA LEU B 114 -1.76 2.24 -19.77
C LEU B 114 -2.03 3.73 -19.92
N GLN B 115 -3.24 4.07 -20.35
CA GLN B 115 -3.64 5.46 -20.55
C GLN B 115 -4.12 6.07 -19.25
N GLU B 116 -4.14 5.26 -18.20
CA GLU B 116 -4.54 5.72 -16.89
C GLU B 116 -5.94 6.28 -16.89
N GLU B 117 -6.83 5.64 -17.63
CA GLU B 117 -8.23 6.03 -17.66
C GLU B 117 -8.94 5.57 -16.40
N PRO B 118 -9.94 6.34 -15.96
CA PRO B 118 -10.73 6.00 -14.77
C PRO B 118 -11.51 4.70 -14.99
N GLY B 119 -11.99 4.51 -16.22
CA GLY B 119 -12.74 3.32 -16.56
C GLY B 119 -11.91 2.04 -16.53
N ALA B 120 -10.60 2.18 -16.32
CA ALA B 120 -9.70 1.03 -16.30
C ALA B 120 -9.84 0.23 -15.01
N PHE B 121 -9.48 -1.05 -15.04
CA PHE B 121 -9.43 -1.81 -13.81
C PHE B 121 -8.45 -1.16 -12.83
N ASN B 122 -8.81 -1.18 -11.56
CA ASN B 122 -7.97 -0.60 -10.53
C ASN B 122 -7.07 -1.64 -9.87
N TRP B 123 -5.76 -1.51 -10.12
CA TRP B 123 -4.76 -2.45 -9.60
C TRP B 123 -4.09 -1.98 -8.31
N SER B 124 -4.54 -0.85 -7.77
CA SER B 124 -3.82 -0.17 -6.69
C SER B 124 -3.62 -1.04 -5.44
N MET B 125 -4.59 -1.92 -5.15
CA MET B 125 -4.43 -2.83 -4.02
C MET B 125 -3.19 -3.69 -4.24
N TYR B 126 -3.05 -4.23 -5.45
CA TYR B 126 -1.89 -5.02 -5.82
C TYR B 126 -0.60 -4.20 -5.83
N SER B 127 -0.64 -2.99 -6.41
CA SER B 127 0.54 -2.11 -6.40
C SER B 127 1.01 -1.85 -4.98
N GLN B 128 0.08 -1.42 -4.12
CA GLN B 128 0.41 -1.10 -2.75
C GLN B 128 1.03 -2.33 -2.09
N HIS B 129 0.39 -3.48 -2.26
CA HIS B 129 0.90 -4.69 -1.61
C HIS B 129 2.31 -5.03 -2.09
N ALA B 130 2.55 -4.92 -3.39
CA ALA B 130 3.89 -5.15 -3.94
C ALA B 130 4.93 -4.25 -3.27
N CYS B 131 4.58 -2.97 -3.10
CA CYS B 131 5.46 -2.01 -2.43
C CYS B 131 5.71 -2.43 -0.99
N LEU B 132 4.65 -2.90 -0.35
CA LEU B 132 4.71 -3.35 1.04
C LEU B 132 5.75 -4.45 1.21
N ILE B 133 5.69 -5.47 0.36
CA ILE B 133 6.60 -6.60 0.53
C ILE B 133 7.98 -6.38 -0.08
N GLU B 134 8.09 -5.45 -1.04
CA GLU B 134 9.42 -5.15 -1.59
C GLU B 134 10.26 -4.38 -0.55
N GLY B 135 9.57 -3.75 0.40
CA GLY B 135 10.20 -3.13 1.54
C GLY B 135 11.20 -2.03 1.23
N LYS B 136 10.89 -1.20 0.24
CA LYS B 136 11.80 -0.15 -0.20
C LYS B 136 11.21 1.23 0.06
N GLY B 137 10.06 1.25 0.73
CA GLY B 137 9.38 2.51 1.00
C GLY B 137 8.78 3.20 -0.21
N GLU B 138 8.67 2.49 -1.32
CA GLU B 138 8.08 3.04 -2.53
C GLU B 138 6.57 3.22 -2.39
N CYS B 139 6.06 4.37 -2.84
CA CYS B 139 4.63 4.56 -2.90
C CYS B 139 4.10 3.89 -4.17
N TRP B 140 2.84 3.44 -4.13
CA TRP B 140 2.31 2.65 -5.23
C TRP B 140 2.18 3.46 -6.51
N GLN B 141 2.02 4.77 -6.36
CA GLN B 141 1.87 5.64 -7.52
C GLN B 141 3.15 5.64 -8.34
N ASP B 142 4.30 5.53 -7.67
CA ASP B 142 5.58 5.46 -8.37
C ASP B 142 5.77 4.08 -9.01
N LYS B 143 5.38 3.02 -8.31
CA LYS B 143 5.44 1.65 -8.84
C LYS B 143 4.67 1.63 -10.18
N GLU B 144 3.43 2.11 -10.15
CA GLU B 144 2.59 2.14 -11.33
C GLU B 144 3.13 3.01 -12.46
N ARG B 145 3.69 4.16 -12.11
CA ARG B 145 4.20 5.08 -13.12
C ARG B 145 5.36 4.41 -13.87
N GLN B 146 6.21 3.70 -13.12
CA GLN B 146 7.33 2.98 -13.70
C GLN B 146 6.92 1.80 -14.61
N LEU B 147 5.89 1.06 -14.21
CA LEU B 147 5.39 -0.04 -15.04
C LEU B 147 4.85 0.52 -16.35
N ARG B 148 4.08 1.61 -16.25
CA ARG B 148 3.54 2.25 -17.46
C ARG B 148 4.64 2.77 -18.38
N ALA B 149 5.74 3.24 -17.81
CA ALA B 149 6.84 3.79 -18.58
C ALA B 149 7.57 2.66 -19.27
N ARG B 150 7.64 1.53 -18.59
CA ARG B 150 8.48 0.44 -19.03
C ARG B 150 7.80 -0.53 -19.98
N VAL B 151 6.46 -0.53 -20.02
CA VAL B 151 5.74 -1.28 -21.04
C VAL B 151 5.90 -0.62 -22.42
N LYS B 152 6.75 -1.18 -23.26
CA LYS B 152 7.08 -0.57 -24.55
C LYS B 152 6.14 -0.96 -25.71
N ARG B 153 5.40 -2.05 -25.53
CA ARG B 153 4.52 -2.54 -26.57
C ARG B 153 3.57 -3.60 -26.04
N VAL B 154 2.40 -3.68 -26.65
CA VAL B 154 1.41 -4.70 -26.33
C VAL B 154 1.04 -5.41 -27.64
N LEU B 155 1.38 -6.69 -27.73
CA LEU B 155 1.34 -7.41 -29.01
C LEU B 155 0.44 -8.63 -28.98
N PRO B 156 -0.14 -8.97 -30.14
CA PRO B 156 -0.85 -10.24 -30.33
C PRO B 156 0.13 -11.38 -30.14
N ILE B 157 -0.35 -12.51 -29.64
CA ILE B 157 0.47 -13.69 -29.45
C ILE B 157 -0.37 -14.97 -29.55
N ASP B 158 0.19 -16.01 -30.16
CA ASP B 158 -0.42 -17.33 -30.16
C ASP B 158 0.66 -18.35 -29.80
N VAL B 159 0.60 -18.90 -28.60
CA VAL B 159 1.65 -19.79 -28.12
C VAL B 159 1.67 -21.12 -28.87
N HIS B 160 0.64 -21.39 -29.65
CA HIS B 160 0.57 -22.64 -30.39
C HIS B 160 1.36 -22.56 -31.69
N GLN B 161 1.74 -21.36 -32.10
CA GLN B 161 2.59 -21.19 -33.29
C GLN B 161 4.05 -21.38 -32.94
N PRO B 162 4.83 -21.95 -33.86
CA PRO B 162 6.27 -22.10 -33.64
C PRO B 162 6.95 -20.75 -33.40
N GLN B 163 6.40 -19.70 -34.01
CA GLN B 163 6.79 -18.33 -33.68
C GLN B 163 5.58 -17.62 -33.06
N PRO B 164 5.49 -17.64 -31.73
CA PRO B 164 4.26 -17.16 -31.07
C PRO B 164 3.95 -15.71 -31.38
N LEU B 165 4.97 -14.92 -31.67
CA LEU B 165 4.79 -13.49 -31.95
C LEU B 165 4.67 -13.19 -33.43
N GLY B 166 4.80 -14.23 -34.26
CA GLY B 166 4.79 -14.06 -35.70
C GLY B 166 6.19 -13.81 -36.25
N ALA B 167 6.27 -13.68 -37.57
CA ALA B 167 7.56 -13.49 -38.22
C ALA B 167 7.94 -12.00 -38.23
N GLY B 168 9.16 -11.71 -37.80
CA GLY B 168 9.65 -10.34 -37.77
C GLY B 168 8.91 -9.41 -36.83
N SER B 169 8.53 -9.92 -35.67
CA SER B 169 7.79 -9.12 -34.69
C SER B 169 8.63 -7.95 -34.24
N PRO B 170 7.99 -6.95 -33.63
CA PRO B 170 8.64 -5.76 -33.09
C PRO B 170 9.47 -6.07 -31.86
N ALA B 171 9.13 -7.13 -31.15
CA ALA B 171 9.71 -7.38 -29.85
C ALA B 171 11.21 -7.64 -29.91
N PRO B 172 11.96 -7.07 -28.94
CA PRO B 172 13.40 -7.32 -28.85
C PRO B 172 13.64 -8.80 -28.63
N LEU B 173 14.28 -9.47 -29.59
CA LEU B 173 14.51 -10.90 -29.47
C LEU B 173 15.98 -11.25 -29.62
N PRO B 174 16.49 -12.15 -28.76
CA PRO B 174 15.70 -12.84 -27.74
C PRO B 174 15.61 -12.03 -26.44
N ALA B 175 14.59 -12.28 -25.65
CA ALA B 175 14.40 -11.58 -24.38
C ALA B 175 15.35 -12.13 -23.32
N ASP B 176 15.65 -11.33 -22.31
CA ASP B 176 16.46 -11.81 -21.19
C ASP B 176 15.61 -12.60 -20.19
N ALA B 177 14.31 -12.31 -20.17
CA ALA B 177 13.41 -12.95 -19.22
C ALA B 177 11.99 -13.12 -19.76
N LEU B 178 11.31 -14.16 -19.28
CA LEU B 178 9.90 -14.37 -19.58
C LEU B 178 9.10 -14.43 -18.29
N VAL B 179 7.93 -13.82 -18.32
CA VAL B 179 6.94 -13.99 -17.27
C VAL B 179 5.70 -14.55 -17.94
N SER B 180 4.98 -15.43 -17.25
CA SER B 180 3.71 -15.91 -17.78
C SER B 180 2.83 -16.44 -16.66
N ALA B 181 1.62 -15.92 -16.57
CA ALA B 181 0.71 -16.32 -15.50
C ALA B 181 -0.59 -16.85 -16.07
N PHE B 182 -0.89 -18.10 -15.72
CA PHE B 182 -2.19 -18.71 -16.02
C PHE B 182 -2.51 -18.72 -17.51
N CYS B 183 -1.50 -18.82 -18.34
CA CYS B 183 -1.74 -18.88 -19.77
C CYS B 183 -1.67 -20.29 -20.38
N LEU B 184 -0.48 -20.90 -20.34
CA LEU B 184 -0.26 -22.19 -20.99
C LEU B 184 -1.34 -23.25 -20.73
N GLU B 185 -1.62 -23.55 -19.47
CA GLU B 185 -2.61 -24.58 -19.14
C GLU B 185 -4.01 -24.16 -19.56
N ALA B 186 -4.28 -22.85 -19.51
CA ALA B 186 -5.60 -22.35 -19.84
C ALA B 186 -5.91 -22.30 -21.34
N VAL B 187 -4.91 -22.55 -22.19
CA VAL B 187 -5.11 -22.51 -23.63
C VAL B 187 -4.70 -23.82 -24.33
N SER B 188 -4.28 -24.80 -23.55
CA SER B 188 -3.83 -26.08 -24.07
C SER B 188 -4.83 -27.20 -23.77
N PRO B 189 -5.35 -27.85 -24.83
CA PRO B 189 -6.32 -28.96 -24.72
C PRO B 189 -5.79 -30.12 -23.88
N ASP B 190 -4.48 -30.34 -23.92
CA ASP B 190 -3.89 -31.48 -23.21
C ASP B 190 -2.44 -31.19 -22.89
N LEU B 191 -1.81 -32.12 -22.18
CA LEU B 191 -0.43 -31.96 -21.75
C LEU B 191 0.57 -31.84 -22.91
N ALA B 192 0.34 -32.60 -23.98
CA ALA B 192 1.23 -32.56 -25.14
C ALA B 192 1.25 -31.16 -25.77
N SER B 193 0.07 -30.56 -25.85
CA SER B 193 -0.10 -29.21 -26.37
C SER B 193 0.58 -28.19 -25.45
N PHE B 194 0.41 -28.39 -24.15
CA PHE B 194 1.05 -27.58 -23.14
C PHE B 194 2.57 -27.58 -23.37
N GLN B 195 3.14 -28.78 -23.46
CA GLN B 195 4.57 -28.95 -23.71
C GLN B 195 5.02 -28.23 -25.00
N ARG B 196 4.24 -28.35 -26.07
CA ARG B 196 4.61 -27.66 -27.29
C ARG B 196 4.56 -26.15 -27.11
N ALA B 197 3.50 -25.67 -26.46
CA ALA B 197 3.36 -24.25 -26.17
C ALA B 197 4.58 -23.73 -25.40
N LEU B 198 5.04 -24.49 -24.42
CA LEU B 198 6.20 -24.14 -23.61
C LEU B 198 7.47 -24.12 -24.46
N ASP B 199 7.57 -25.09 -25.37
CA ASP B 199 8.69 -25.14 -26.32
C ASP B 199 8.69 -23.91 -27.21
N HIS B 200 7.51 -23.53 -27.70
CA HIS B 200 7.40 -22.35 -28.56
C HIS B 200 7.87 -21.06 -27.87
N ILE B 201 7.41 -20.81 -26.65
CA ILE B 201 7.73 -19.54 -26.01
C ILE B 201 9.19 -19.53 -25.60
N THR B 202 9.75 -20.72 -25.41
CA THR B 202 11.13 -20.83 -25.00
C THR B 202 12.09 -20.34 -26.09
N THR B 203 11.64 -20.37 -27.34
CA THR B 203 12.45 -19.83 -28.44
C THR B 203 12.63 -18.32 -28.32
N LEU B 204 11.81 -17.67 -27.51
CA LEU B 204 11.87 -16.22 -27.35
C LEU B 204 12.89 -15.83 -26.28
N LEU B 205 13.26 -16.78 -25.44
CA LEU B 205 14.16 -16.54 -24.32
C LEU B 205 15.59 -16.82 -24.72
N ARG B 206 16.51 -15.96 -24.29
CA ARG B 206 17.92 -16.18 -24.59
C ARG B 206 18.43 -17.30 -23.72
N PRO B 207 19.46 -18.01 -24.22
CA PRO B 207 20.16 -19.00 -23.39
C PRO B 207 20.66 -18.32 -22.12
N GLY B 208 20.42 -18.92 -20.96
CA GLY B 208 20.87 -18.34 -19.71
C GLY B 208 19.83 -17.43 -19.09
N GLY B 209 18.76 -17.16 -19.84
CA GLY B 209 17.68 -16.32 -19.37
C GLY B 209 16.71 -17.03 -18.44
N HIS B 210 15.85 -16.28 -17.78
CA HIS B 210 14.95 -16.84 -16.78
C HIS B 210 13.48 -16.80 -17.18
N LEU B 211 12.75 -17.85 -16.82
CA LEU B 211 11.30 -17.88 -16.96
C LEU B 211 10.64 -17.92 -15.59
N LEU B 212 9.71 -16.99 -15.36
CA LEU B 212 8.88 -17.05 -14.16
C LEU B 212 7.50 -17.44 -14.61
N LEU B 213 7.04 -18.59 -14.14
CA LEU B 213 5.79 -19.17 -14.60
C LEU B 213 4.85 -19.42 -13.42
N ILE B 214 3.65 -18.87 -13.51
CA ILE B 214 2.60 -19.06 -12.51
C ILE B 214 1.46 -19.78 -13.20
N GLY B 215 0.78 -20.68 -12.51
CA GLY B 215 -0.30 -21.41 -13.16
C GLY B 215 -1.18 -22.21 -12.22
N ALA B 216 -2.31 -22.67 -12.74
CA ALA B 216 -3.27 -23.44 -11.97
C ALA B 216 -2.91 -24.92 -11.95
N LEU B 217 -3.09 -25.56 -10.79
CA LEU B 217 -2.90 -26.99 -10.65
C LEU B 217 -4.24 -27.71 -10.63
N GLU B 218 -4.35 -28.77 -11.43
CA GLU B 218 -5.55 -29.59 -11.52
C GLU B 218 -6.80 -28.77 -11.78
N GLU B 219 -6.72 -27.87 -12.74
CA GLU B 219 -7.88 -27.09 -13.15
C GLU B 219 -8.37 -27.65 -14.46
N SER B 220 -9.69 -27.74 -14.63
CA SER B 220 -10.24 -28.22 -15.90
C SER B 220 -11.19 -27.22 -16.55
N TRP B 221 -11.68 -26.25 -15.77
CA TRP B 221 -12.54 -25.21 -16.31
C TRP B 221 -12.54 -23.92 -15.49
N TYR B 222 -12.84 -22.81 -16.14
CA TYR B 222 -13.13 -21.57 -15.43
C TYR B 222 -14.10 -20.73 -16.24
N LEU B 223 -14.69 -19.73 -15.58
CA LEU B 223 -15.70 -18.88 -16.19
C LEU B 223 -15.15 -17.48 -16.47
N ALA B 224 -15.54 -16.92 -17.62
CA ALA B 224 -15.21 -15.53 -17.93
C ALA B 224 -16.43 -14.84 -18.51
N GLY B 225 -17.51 -14.81 -17.74
CA GLY B 225 -18.76 -14.25 -18.21
C GLY B 225 -19.63 -15.34 -18.79
N GLU B 226 -19.95 -15.21 -20.07
CA GLU B 226 -20.71 -16.23 -20.78
C GLU B 226 -19.80 -17.39 -21.13
N ALA B 227 -18.56 -17.06 -21.47
CA ALA B 227 -17.57 -18.05 -21.82
C ALA B 227 -17.23 -18.99 -20.66
N ARG B 228 -17.33 -20.29 -20.92
CA ARG B 228 -16.79 -21.31 -20.03
C ARG B 228 -15.64 -21.99 -20.76
N LEU B 229 -14.46 -21.94 -20.16
CA LEU B 229 -13.25 -22.33 -20.87
C LEU B 229 -12.64 -23.59 -20.28
N THR B 230 -12.06 -24.40 -21.15
CA THR B 230 -11.46 -25.67 -20.77
C THR B 230 -9.98 -25.48 -20.45
N VAL B 231 -9.51 -26.21 -19.45
CA VAL B 231 -8.14 -26.10 -19.00
C VAL B 231 -7.62 -27.52 -18.85
N VAL B 232 -6.41 -27.79 -19.30
CA VAL B 232 -5.79 -29.07 -19.03
C VAL B 232 -5.34 -29.10 -17.57
N PRO B 233 -5.84 -30.08 -16.81
CA PRO B 233 -5.41 -30.21 -15.42
C PRO B 233 -3.99 -30.74 -15.39
N VAL B 234 -3.08 -30.01 -14.74
CA VAL B 234 -1.70 -30.46 -14.61
C VAL B 234 -1.30 -30.48 -13.14
N SER B 235 -0.30 -31.29 -12.82
CA SER B 235 0.22 -31.37 -11.46
C SER B 235 1.57 -30.69 -11.42
N GLU B 236 2.12 -30.56 -10.21
CA GLU B 236 3.44 -29.98 -10.03
C GLU B 236 4.49 -30.78 -10.79
N GLU B 237 4.38 -32.10 -10.73
CA GLU B 237 5.40 -32.97 -11.32
C GLU B 237 5.38 -32.91 -12.85
N GLU B 238 4.18 -32.83 -13.41
CA GLU B 238 4.02 -32.63 -14.85
C GLU B 238 4.63 -31.29 -15.28
N VAL B 239 4.46 -30.26 -14.45
CA VAL B 239 5.06 -28.95 -14.75
C VAL B 239 6.57 -29.01 -14.71
N ARG B 240 7.12 -29.61 -13.65
CA ARG B 240 8.56 -29.76 -13.55
C ARG B 240 9.11 -30.48 -14.80
N GLU B 241 8.51 -31.62 -15.13
CA GLU B 241 9.02 -32.40 -16.25
C GLU B 241 8.95 -31.62 -17.55
N ALA B 242 7.89 -30.84 -17.76
CA ALA B 242 7.79 -30.06 -18.99
C ALA B 242 8.92 -29.03 -19.08
N LEU B 243 9.30 -28.45 -17.93
CA LEU B 243 10.33 -27.44 -17.90
C LEU B 243 11.68 -28.05 -18.22
N VAL B 244 11.96 -29.19 -17.60
CA VAL B 244 13.14 -29.99 -17.91
C VAL B 244 13.14 -30.40 -19.40
N ARG B 245 11.98 -30.82 -19.90
CA ARG B 245 11.85 -31.27 -21.27
C ARG B 245 12.08 -30.14 -22.24
N SER B 246 11.90 -28.90 -21.78
CA SER B 246 12.03 -27.75 -22.66
C SER B 246 13.41 -27.11 -22.61
N GLY B 247 14.27 -27.63 -21.74
CA GLY B 247 15.65 -27.17 -21.69
C GLY B 247 15.94 -26.21 -20.56
N TYR B 248 15.14 -26.30 -19.50
CA TYR B 248 15.32 -25.47 -18.33
C TYR B 248 15.98 -26.24 -17.19
N LYS B 249 16.68 -25.50 -16.34
CA LYS B 249 16.98 -25.97 -14.99
C LYS B 249 15.96 -25.32 -14.07
N VAL B 250 15.24 -26.13 -13.31
CA VAL B 250 14.22 -25.63 -12.41
C VAL B 250 14.91 -25.15 -11.14
N ARG B 251 14.84 -23.85 -10.87
CA ARG B 251 15.50 -23.24 -9.71
C ARG B 251 14.59 -23.25 -8.51
N ASP B 252 13.29 -23.10 -8.78
CA ASP B 252 12.30 -23.01 -7.73
C ASP B 252 10.96 -23.46 -8.31
N LEU B 253 10.22 -24.22 -7.52
CA LEU B 253 8.87 -24.63 -7.90
C LEU B 253 8.04 -24.79 -6.63
N ARG B 254 7.12 -23.87 -6.42
CA ARG B 254 6.37 -23.81 -5.18
C ARG B 254 4.89 -24.03 -5.46
N THR B 255 4.18 -24.60 -4.49
CA THR B 255 2.77 -24.90 -4.63
C THR B 255 1.96 -24.21 -3.55
N TYR B 256 0.88 -23.57 -3.96
CA TYR B 256 -0.07 -22.98 -3.05
C TYR B 256 -1.35 -23.78 -3.14
N ILE B 257 -1.83 -24.27 -1.99
CA ILE B 257 -3.07 -25.03 -1.97
C ILE B 257 -4.26 -24.10 -1.76
N MET B 258 -5.17 -24.07 -2.73
CA MET B 258 -6.33 -23.19 -2.64
C MET B 258 -7.18 -23.57 -1.42
N PRO B 259 -7.44 -22.61 -0.53
CA PRO B 259 -8.32 -22.84 0.63
C PRO B 259 -9.76 -22.82 0.15
N ALA B 260 -10.65 -23.51 0.85
CA ALA B 260 -12.02 -23.67 0.38
C ALA B 260 -12.71 -22.33 0.13
N HIS B 261 -12.36 -21.33 0.92
CA HIS B 261 -13.04 -20.04 0.85
C HIS B 261 -12.57 -19.20 -0.33
N LEU B 262 -11.55 -19.67 -1.02
CA LEU B 262 -11.11 -18.99 -2.23
C LEU B 262 -11.54 -19.80 -3.46
N GLN B 263 -12.17 -20.94 -3.21
CA GLN B 263 -12.75 -21.71 -4.29
C GLN B 263 -14.22 -21.33 -4.43
N THR B 264 -14.47 -20.42 -5.37
CA THR B 264 -15.73 -19.67 -5.40
C THR B 264 -16.71 -20.10 -6.49
N GLY B 265 -16.41 -21.17 -7.21
CA GLY B 265 -17.31 -21.62 -8.27
C GLY B 265 -17.07 -20.89 -9.59
N VAL B 266 -16.00 -20.11 -9.65
CA VAL B 266 -15.58 -19.48 -10.89
C VAL B 266 -14.68 -20.44 -11.68
N ASP B 267 -14.21 -21.48 -11.01
CA ASP B 267 -13.35 -22.50 -11.64
C ASP B 267 -13.25 -23.72 -10.73
N ASP B 268 -12.41 -24.68 -11.11
CA ASP B 268 -12.17 -25.84 -10.24
C ASP B 268 -10.68 -25.99 -9.92
N VAL B 269 -10.00 -24.86 -9.79
CA VAL B 269 -8.58 -24.85 -9.47
C VAL B 269 -8.34 -25.42 -8.07
N LYS B 270 -7.35 -26.30 -7.94
CA LYS B 270 -7.03 -26.90 -6.65
C LYS B 270 -5.84 -26.20 -6.00
N GLY B 271 -4.97 -25.64 -6.83
CA GLY B 271 -3.79 -24.95 -6.34
C GLY B 271 -3.11 -24.12 -7.41
N VAL B 272 -2.10 -23.37 -7.00
CA VAL B 272 -1.34 -22.54 -7.92
C VAL B 272 0.12 -22.89 -7.80
N PHE B 273 0.81 -23.00 -8.93
CA PHE B 273 2.24 -23.25 -8.90
C PHE B 273 3.00 -22.00 -9.28
N PHE B 274 4.19 -21.86 -8.71
CA PHE B 274 5.12 -20.85 -9.15
C PHE B 274 6.42 -21.52 -9.53
N ALA B 275 6.89 -21.23 -10.73
CA ALA B 275 8.15 -21.80 -11.16
C ALA B 275 9.13 -20.71 -11.57
N TRP B 276 10.32 -20.79 -11.01
CA TRP B 276 11.46 -20.04 -11.50
C TRP B 276 12.37 -21.03 -12.23
N ALA B 277 12.48 -20.87 -13.54
CA ALA B 277 13.28 -21.77 -14.35
C ALA B 277 14.28 -20.96 -15.16
N GLN B 278 15.46 -21.53 -15.38
CA GLN B 278 16.49 -20.85 -16.13
C GLN B 278 16.87 -21.66 -17.37
N LYS B 279 16.79 -21.04 -18.54
CA LYS B 279 17.07 -21.74 -19.79
C LYS B 279 18.54 -22.11 -19.90
N VAL B 280 18.79 -23.37 -20.25
CA VAL B 280 20.13 -23.91 -20.33
C VAL B 280 20.93 -23.33 -21.51
N GLY B 281 22.20 -23.06 -21.28
CA GLY B 281 23.09 -22.54 -22.32
C GLY B 281 24.15 -21.59 -21.77
N SAH C . -3.76 17.46 16.03
CA SAH C . -4.13 18.01 14.72
CB SAH C . -4.72 19.43 14.88
CG SAH C . -3.62 20.52 14.87
SD SAH C . -4.36 22.19 14.78
C SAH C . -2.91 18.01 13.80
O SAH C . -2.00 17.28 14.01
OXT SAH C . -3.09 18.49 12.50
C5' SAH C . -4.55 22.85 16.47
C4' SAH C . -5.79 22.26 17.15
O4' SAH C . -5.94 22.72 18.54
C3' SAH C . -7.11 22.57 16.43
O3' SAH C . -7.79 21.36 16.21
C2' SAH C . -7.83 23.40 17.46
O2' SAH C . -9.23 23.49 17.36
C1' SAH C . -7.38 22.78 18.77
N9 SAH C . -7.63 23.75 19.82
C8 SAH C . -7.97 25.19 19.60
N7 SAH C . -8.08 25.79 20.92
C5 SAH C . -7.81 24.77 21.93
C6 SAH C . -7.78 24.81 23.44
N6 SAH C . -8.02 26.07 24.14
N1 SAH C . -7.47 23.60 24.19
C2 SAH C . -7.19 22.31 23.47
N3 SAH C . -7.23 22.26 21.99
C4 SAH C . -7.53 23.49 21.24
C10 ES7 D . 0.31 21.72 10.90
C01 ES7 D . 2.12 23.54 11.12
N02 ES7 D . 1.55 22.29 10.57
C03 ES7 D . 2.15 21.47 9.63
C04 ES7 D . 3.42 21.57 8.93
C05 ES7 D . 3.81 20.55 7.97
C06 ES7 D . 2.92 19.44 7.72
C07 ES7 D . 1.66 19.34 8.41
C08 ES7 D . 1.27 20.36 9.37
N09 ES7 D . 0.17 20.51 10.15
N11 ES7 D . -0.64 22.24 11.85
N SAH E . -1.90 -13.52 -17.52
CA SAH E . -3.25 -13.14 -17.09
CB SAH E . -4.33 -13.80 -18.00
CG SAH E . -4.55 -15.28 -17.66
SD SAH E . -6.02 -15.91 -18.54
C SAH E . -3.47 -13.52 -15.62
O SAH E . -2.56 -13.80 -14.92
OXT SAH E . -4.76 -13.43 -15.10
C5' SAH E . -5.47 -16.86 -19.98
C4' SAH E . -5.07 -15.90 -21.11
O4' SAH E . -4.59 -16.67 -22.26
C3' SAH E . -6.21 -15.02 -21.64
O3' SAH E . -5.81 -13.68 -21.56
C2' SAH E . -6.31 -15.46 -23.09
O2' SAH E . -6.77 -14.45 -23.95
C1' SAH E . -4.86 -15.82 -23.40
N9 SAH E . -4.83 -16.68 -24.55
C8 SAH E . -5.99 -17.43 -25.09
N7 SAH E . -5.48 -18.21 -26.22
C5 SAH E . -4.05 -17.95 -26.38
C6 SAH E . -3.04 -18.48 -27.36
N6 SAH E . -3.43 -19.43 -28.39
N1 SAH E . -1.67 -18.02 -27.27
C2 SAH E . -1.26 -17.05 -26.20
N3 SAH E . -2.26 -16.54 -25.23
C4 SAH E . -3.66 -16.99 -25.33
C10 ES7 F . -6.47 -17.39 -12.63
C01 ES7 F . -6.77 -19.89 -12.08
N02 ES7 F . -6.55 -18.47 -11.74
C03 ES7 F . -6.41 -17.96 -10.46
C04 ES7 F . -6.40 -18.61 -9.16
C05 ES7 F . -6.22 -17.83 -7.96
C06 ES7 F . -6.04 -16.39 -8.06
C07 ES7 F . -6.04 -15.74 -9.34
C08 ES7 F . -6.22 -16.54 -10.56
N09 ES7 F . -6.26 -16.19 -11.87
N11 ES7 F . -6.59 -17.47 -14.06
#